data_6A4X
#
_entry.id   6A4X
#
_cell.length_a   76.870
_cell.length_b   76.870
_cell.length_c   47.170
_cell.angle_alpha   90.000
_cell.angle_beta   90.000
_cell.angle_gamma   90.000
#
_symmetry.space_group_name_H-M   'P 41 21 2'
#
loop_
_entity.id
_entity.type
_entity.pdbx_description
1 polymer 'Bleomycin resistance protein'
2 non-polymer 'FE (II) ION'
3 water water
#
_entity_poly.entity_id   1
_entity_poly.type   'polypeptide(L)'
_entity_poly.pdbx_seq_one_letter_code
;GSHMTVQLNHTIVAAHDKKASARFLADILGLEVSPQYGPFIPVEIPNGVSLDYLDSRGAITPQHYAFLVSEDDFDTIFGR
IREAGLTYWADPYHRRPGEINHNDGGRGAYFEDPNGHNLEILTRPYGSGG
;
_entity_poly.pdbx_strand_id   A
#
# COMPACT_ATOMS: atom_id res chain seq x y z
N MET A 4 -24.81 11.53 2.61
CA MET A 4 -24.98 10.07 2.65
C MET A 4 -23.74 9.40 3.25
N THR A 5 -23.94 8.67 4.36
CA THR A 5 -22.87 8.10 5.17
C THR A 5 -22.14 6.96 4.45
N VAL A 6 -22.12 7.03 3.11
CA VAL A 6 -21.51 6.02 2.26
C VAL A 6 -20.06 5.79 2.64
N GLN A 7 -19.62 4.52 2.61
CA GLN A 7 -18.22 4.19 2.81
C GLN A 7 -17.76 3.26 1.70
N LEU A 8 -16.51 3.46 1.24
CA LEU A 8 -15.86 2.40 0.48
C LEU A 8 -15.49 1.28 1.42
N ASN A 9 -16.09 0.11 1.20
CA ASN A 9 -15.96 -1.02 2.11
C ASN A 9 -14.88 -2.03 1.70
N HIS A 10 -14.75 -2.32 0.40
CA HIS A 10 -13.64 -3.18 -0.02
C HIS A 10 -13.39 -3.01 -1.52
N THR A 11 -12.18 -3.39 -1.92
CA THR A 11 -11.81 -3.57 -3.32
C THR A 11 -11.03 -4.87 -3.41
N ILE A 12 -10.97 -5.46 -4.60
CA ILE A 12 -10.27 -6.72 -4.80
C ILE A 12 -8.87 -6.43 -5.35
N VAL A 13 -7.86 -7.09 -4.81
CA VAL A 13 -6.47 -6.96 -5.26
C VAL A 13 -6.04 -8.29 -5.88
N ALA A 14 -5.79 -8.27 -7.20
CA ALA A 14 -5.35 -9.49 -7.87
C ALA A 14 -3.92 -9.85 -7.47
N ALA A 15 -3.69 -11.13 -7.21
CA ALA A 15 -2.38 -11.56 -6.73
C ALA A 15 -2.04 -12.96 -7.22
N HIS A 16 -0.75 -13.21 -7.51
CA HIS A 16 -0.32 -14.57 -7.82
C HIS A 16 -0.48 -15.49 -6.62
N ASP A 17 -0.09 -14.99 -5.44
CA ASP A 17 -0.16 -15.72 -4.17
C ASP A 17 -0.90 -14.79 -3.22
N LYS A 18 -2.20 -15.02 -3.03
CA LYS A 18 -3.00 -14.08 -2.24
C LYS A 18 -2.54 -14.02 -0.79
N LYS A 19 -2.10 -15.14 -0.24
CA LYS A 19 -1.69 -15.14 1.17
C LYS A 19 -0.36 -14.41 1.35
N ALA A 20 0.60 -14.67 0.47
CA ALA A 20 1.88 -13.97 0.53
C ALA A 20 1.70 -12.48 0.27
N SER A 21 0.83 -12.12 -0.66
CA SER A 21 0.62 -10.72 -1.01
C SER A 21 -0.10 -9.96 0.11
N ALA A 22 -1.11 -10.58 0.73
CA ALA A 22 -1.77 -9.94 1.85
C ALA A 22 -0.81 -9.75 3.02
N ARG A 23 0.00 -10.78 3.30
CA ARG A 23 0.97 -10.67 4.37
C ARG A 23 1.99 -9.58 4.09
N PHE A 24 2.41 -9.46 2.83
CA PHE A 24 3.35 -8.41 2.46
C PHE A 24 2.81 -7.03 2.83
N LEU A 25 1.56 -6.75 2.44
CA LEU A 25 0.98 -5.44 2.73
C LEU A 25 0.74 -5.25 4.21
N ALA A 26 0.13 -6.26 4.86
CA ALA A 26 -0.11 -6.19 6.30
C ALA A 26 1.18 -5.94 7.07
N ASP A 27 2.22 -6.73 6.77
CA ASP A 27 3.49 -6.53 7.47
C ASP A 27 4.07 -5.14 7.21
N ILE A 28 4.04 -4.68 5.95
CA ILE A 28 4.71 -3.42 5.64
C ILE A 28 4.00 -2.25 6.33
N LEU A 29 2.67 -2.31 6.44
CA LEU A 29 1.89 -1.23 7.04
C LEU A 29 1.69 -1.37 8.54
N GLY A 30 2.12 -2.49 9.14
CA GLY A 30 1.87 -2.71 10.55
C GLY A 30 0.46 -3.13 10.89
N LEU A 31 -0.24 -3.72 9.92
CA LEU A 31 -1.61 -4.17 10.10
C LEU A 31 -1.61 -5.70 10.23
N GLU A 32 -2.81 -6.29 10.25
CA GLU A 32 -2.97 -7.72 10.40
C GLU A 32 -3.82 -8.25 9.25
N VAL A 33 -3.55 -9.48 8.86
CA VAL A 33 -4.35 -10.15 7.85
C VAL A 33 -5.54 -10.82 8.52
N SER A 34 -6.71 -10.79 7.85
CA SER A 34 -7.92 -11.41 8.37
C SER A 34 -7.99 -12.87 7.92
N PRO A 35 -8.77 -13.70 8.63
CA PRO A 35 -9.02 -15.06 8.13
C PRO A 35 -9.63 -15.03 6.74
N GLN A 36 -9.28 -16.04 5.95
CA GLN A 36 -9.81 -16.14 4.60
C GLN A 36 -11.34 -16.14 4.63
N TYR A 37 -11.93 -15.38 3.72
CA TYR A 37 -13.38 -15.28 3.57
C TYR A 37 -13.67 -15.60 2.12
N GLY A 38 -14.36 -16.72 1.87
CA GLY A 38 -14.52 -17.18 0.51
C GLY A 38 -13.18 -17.40 -0.16
N PRO A 39 -13.02 -16.83 -1.35
CA PRO A 39 -11.72 -16.91 -2.04
C PRO A 39 -10.76 -15.78 -1.70
N PHE A 40 -11.11 -14.91 -0.76
CA PHE A 40 -10.36 -13.68 -0.49
C PHE A 40 -9.52 -13.78 0.77
N ILE A 41 -8.36 -13.14 0.75
CA ILE A 41 -7.61 -12.86 1.97
C ILE A 41 -7.73 -11.35 2.23
N PRO A 42 -8.59 -10.92 3.16
CA PRO A 42 -8.75 -9.48 3.40
C PRO A 42 -7.68 -8.89 4.30
N VAL A 43 -7.31 -7.64 4.02
CA VAL A 43 -6.49 -6.83 4.93
C VAL A 43 -7.30 -5.59 5.27
N GLU A 44 -7.71 -5.47 6.53
CA GLU A 44 -8.55 -4.35 6.96
C GLU A 44 -7.68 -3.11 7.19
N ILE A 45 -8.01 -2.03 6.49
CA ILE A 45 -7.35 -0.75 6.71
C ILE A 45 -8.19 0.02 7.70
N PRO A 46 -7.58 0.76 8.64
CA PRO A 46 -8.36 1.33 9.75
C PRO A 46 -9.50 2.25 9.36
N ASN A 47 -9.53 2.84 8.16
CA ASN A 47 -10.64 3.73 7.83
C ASN A 47 -11.82 3.01 7.20
N GLY A 48 -11.94 1.71 7.40
CA GLY A 48 -13.19 1.02 7.09
C GLY A 48 -13.21 0.31 5.76
N VAL A 49 -12.08 0.23 5.07
CA VAL A 49 -12.00 -0.43 3.77
C VAL A 49 -11.04 -1.59 3.90
N SER A 50 -11.35 -2.73 3.28
CA SER A 50 -10.41 -3.83 3.22
C SER A 50 -9.92 -4.02 1.79
N LEU A 51 -8.65 -4.40 1.66
CA LEU A 51 -8.08 -4.83 0.38
C LEU A 51 -8.16 -6.35 0.37
N ASP A 52 -8.97 -6.90 -0.53
CA ASP A 52 -9.31 -8.32 -0.51
C ASP A 52 -8.51 -9.03 -1.60
N TYR A 53 -7.51 -9.80 -1.20
CA TYR A 53 -6.58 -10.42 -2.15
C TYR A 53 -7.20 -11.69 -2.73
N LEU A 54 -7.11 -11.80 -4.06
CA LEU A 54 -7.73 -12.87 -4.83
C LEU A 54 -6.69 -13.46 -5.76
N ASP A 55 -6.62 -14.79 -5.82
CA ASP A 55 -5.68 -15.43 -6.73
C ASP A 55 -6.02 -15.05 -8.17
N SER A 56 -5.00 -14.64 -8.91
CA SER A 56 -5.18 -14.11 -10.25
C SER A 56 -4.88 -15.19 -11.28
N ARG A 57 -5.43 -14.99 -12.48
CA ARG A 57 -5.03 -15.79 -13.64
C ARG A 57 -4.63 -14.83 -14.74
N GLY A 58 -3.51 -15.14 -15.40
CA GLY A 58 -3.06 -14.29 -16.47
C GLY A 58 -2.40 -13.05 -15.90
N ALA A 59 -2.16 -12.10 -16.80
CA ALA A 59 -1.47 -10.87 -16.43
C ALA A 59 -2.24 -10.14 -15.34
N ILE A 60 -1.50 -9.53 -14.42
CA ILE A 60 -2.09 -8.69 -13.39
C ILE A 60 -1.89 -7.24 -13.77
N THR A 61 -2.99 -6.54 -14.02
CA THR A 61 -2.92 -5.11 -14.27
C THR A 61 -2.54 -4.39 -12.98
N PRO A 62 -1.44 -3.64 -12.97
CA PRO A 62 -1.02 -2.96 -11.72
C PRO A 62 -2.04 -1.90 -11.32
N GLN A 63 -2.46 -1.94 -10.06
CA GLN A 63 -3.32 -0.90 -9.53
C GLN A 63 -2.52 -0.02 -8.59
N HIS A 64 -3.14 1.09 -8.17
CA HIS A 64 -2.45 2.08 -7.34
C HIS A 64 -3.21 2.21 -6.02
N TYR A 65 -2.53 1.98 -4.92
CA TYR A 65 -3.12 2.07 -3.58
C TYR A 65 -2.24 3.00 -2.76
N ALA A 66 -2.81 4.12 -2.33
CA ALA A 66 -2.06 5.14 -1.61
C ALA A 66 -2.58 5.24 -0.19
N PHE A 67 -1.67 5.25 0.78
CA PHE A 67 -2.03 5.21 2.19
C PHE A 67 -1.55 6.48 2.86
N LEU A 68 -2.47 7.18 3.51
CA LEU A 68 -2.12 8.33 4.34
C LEU A 68 -1.71 7.82 5.73
N VAL A 69 -0.52 8.18 6.17
CA VAL A 69 0.04 7.62 7.40
C VAL A 69 0.57 8.77 8.25
N SER A 70 0.66 8.52 9.55
CA SER A 70 1.28 9.49 10.44
C SER A 70 2.78 9.57 10.16
N GLU A 71 3.40 10.66 10.63
CA GLU A 71 4.83 10.84 10.39
C GLU A 71 5.65 9.76 11.09
N ASP A 72 5.22 9.34 12.28
CA ASP A 72 5.92 8.26 12.99
C ASP A 72 5.76 6.94 12.24
N ASP A 73 4.56 6.70 11.72
CA ASP A 73 4.34 5.51 10.91
C ASP A 73 5.15 5.55 9.62
N PHE A 74 5.31 6.74 9.03
CA PHE A 74 6.15 6.87 7.84
C PHE A 74 7.55 6.33 8.12
N ASP A 75 8.15 6.76 9.22
CA ASP A 75 9.49 6.29 9.57
C ASP A 75 9.51 4.78 9.76
N THR A 76 8.50 4.23 10.42
CA THR A 76 8.46 2.79 10.65
C THR A 76 8.31 2.02 9.34
N ILE A 77 7.33 2.42 8.52
CA ILE A 77 7.11 1.76 7.25
C ILE A 77 8.34 1.86 6.36
N PHE A 78 8.92 3.06 6.29
CA PHE A 78 10.13 3.27 5.50
C PHE A 78 11.23 2.33 5.95
N GLY A 79 11.36 2.11 7.26
CA GLY A 79 12.33 1.14 7.76
C GLY A 79 12.10 -0.26 7.21
N ARG A 80 10.84 -0.71 7.19
CA ARG A 80 10.54 -2.05 6.72
C ARG A 80 10.81 -2.20 5.23
N ILE A 81 10.53 -1.14 4.46
CA ILE A 81 10.81 -1.16 3.02
C ILE A 81 12.30 -1.38 2.78
N ARG A 82 13.13 -0.63 3.52
CA ARG A 82 14.58 -0.78 3.37
C ARG A 82 15.06 -2.15 3.85
N GLU A 83 14.46 -2.67 4.93
CA GLU A 83 14.84 -3.97 5.43
C GLU A 83 14.48 -5.07 4.44
N ALA A 84 13.49 -4.85 3.61
CA ALA A 84 13.09 -5.81 2.58
C ALA A 84 13.94 -5.70 1.31
N GLY A 85 14.86 -4.75 1.26
CA GLY A 85 15.68 -4.56 0.09
C GLY A 85 14.92 -4.04 -1.11
N LEU A 86 13.80 -3.35 -0.89
CA LEU A 86 12.97 -2.86 -1.97
C LEU A 86 13.46 -1.49 -2.43
N THR A 87 13.56 -1.30 -3.73
CA THR A 87 13.71 0.04 -4.27
C THR A 87 12.43 0.82 -3.99
N TYR A 88 12.60 2.09 -3.62
CA TYR A 88 11.49 3.03 -3.49
C TYR A 88 11.81 4.25 -4.33
N TRP A 89 10.78 5.01 -4.68
CA TRP A 89 10.94 6.15 -5.57
C TRP A 89 10.20 7.37 -5.01
N ALA A 90 10.78 8.55 -5.26
CA ALA A 90 10.12 9.79 -4.86
C ALA A 90 8.86 10.07 -5.68
N ASP A 91 8.78 9.52 -6.88
CA ASP A 91 7.84 9.97 -7.89
C ASP A 91 7.06 8.80 -8.49
N PRO A 92 5.84 9.03 -8.95
CA PRO A 92 5.03 7.92 -9.47
C PRO A 92 5.57 7.32 -10.76
N TYR A 93 6.44 8.03 -11.48
CA TYR A 93 7.02 7.51 -12.70
C TYR A 93 8.34 6.78 -12.48
N HIS A 94 8.75 6.64 -11.22
CA HIS A 94 9.93 5.86 -10.86
C HIS A 94 11.21 6.40 -11.51
N ARG A 95 11.31 7.73 -11.64
CA ARG A 95 12.54 8.34 -12.13
C ARG A 95 13.58 8.57 -11.03
N ARG A 96 13.16 8.62 -9.77
CA ARG A 96 14.05 9.02 -8.67
C ARG A 96 14.11 7.93 -7.62
N PRO A 97 14.81 6.83 -7.89
CA PRO A 97 14.96 5.79 -6.87
C PRO A 97 15.80 6.28 -5.69
N GLY A 98 15.51 5.74 -4.51
CA GLY A 98 16.30 6.04 -3.33
C GLY A 98 16.06 7.41 -2.73
N GLU A 99 15.00 8.09 -3.14
CA GLU A 99 14.64 9.40 -2.61
C GLU A 99 13.17 9.40 -2.23
N ILE A 100 12.81 10.33 -1.35
CA ILE A 100 11.40 10.55 -0.98
C ILE A 100 10.95 11.91 -1.50
N ASN A 101 9.64 12.05 -1.66
CA ASN A 101 9.08 13.36 -1.96
C ASN A 101 8.66 14.06 -0.66
N HIS A 102 8.34 15.34 -0.76
CA HIS A 102 7.85 16.11 0.38
C HIS A 102 6.58 16.86 0.00
N ASN A 103 5.67 16.17 -0.70
CA ASN A 103 4.45 16.79 -1.18
C ASN A 103 3.67 17.40 -0.02
N ASP A 104 3.21 18.63 -0.21
CA ASP A 104 2.24 19.26 0.69
C ASP A 104 2.77 19.35 2.12
N GLY A 105 4.09 19.49 2.25
CA GLY A 105 4.69 19.60 3.57
C GLY A 105 4.77 18.29 4.30
N GLY A 106 4.51 17.19 3.62
CA GLY A 106 4.59 15.88 4.21
C GLY A 106 5.80 15.14 3.71
N ARG A 107 5.72 13.81 3.73
CA ARG A 107 6.75 12.94 3.16
C ARG A 107 6.03 11.82 2.44
N GLY A 108 6.65 11.32 1.38
CA GLY A 108 6.00 10.26 0.62
C GLY A 108 6.98 9.45 -0.19
N ALA A 109 6.54 8.28 -0.60
CA ALA A 109 7.37 7.43 -1.44
C ALA A 109 6.49 6.39 -2.10
N TYR A 110 7.00 5.85 -3.21
CA TYR A 110 6.31 4.82 -3.98
C TYR A 110 7.14 3.54 -3.97
N PHE A 111 6.46 2.39 -3.94
CA PHE A 111 7.17 1.12 -4.05
C PHE A 111 6.20 0.11 -4.67
N GLU A 112 6.68 -1.10 -4.95
CA GLU A 112 5.88 -2.12 -5.61
C GLU A 112 5.60 -3.31 -4.69
N ASP A 113 4.41 -3.89 -4.81
CA ASP A 113 4.13 -5.15 -4.12
C ASP A 113 4.59 -6.35 -4.97
N PRO A 114 4.48 -7.58 -4.48
CA PRO A 114 4.99 -8.74 -5.26
C PRO A 114 4.31 -8.95 -6.59
N ASN A 115 3.21 -8.28 -6.86
CA ASN A 115 2.51 -8.39 -8.13
C ASN A 115 2.73 -7.20 -9.04
N GLY A 116 3.46 -6.20 -8.58
CA GLY A 116 3.61 -4.98 -9.33
C GLY A 116 2.62 -3.88 -9.02
N HIS A 117 1.73 -4.06 -8.05
CA HIS A 117 0.86 -2.97 -7.68
C HIS A 117 1.69 -1.83 -7.15
N ASN A 118 1.28 -0.60 -7.48
CA ASN A 118 2.01 0.60 -7.11
C ASN A 118 1.51 1.06 -5.77
N LEU A 119 2.32 0.89 -4.73
CA LEU A 119 1.95 1.30 -3.40
C LEU A 119 2.59 2.65 -3.09
N GLU A 120 1.83 3.51 -2.43
CA GLU A 120 2.31 4.85 -2.10
C GLU A 120 2.00 5.13 -0.64
N ILE A 121 2.94 5.78 0.05
CA ILE A 121 2.67 6.32 1.37
C ILE A 121 2.86 7.83 1.30
N LEU A 122 2.03 8.55 2.04
CA LEU A 122 2.04 10.00 2.07
C LEU A 122 1.61 10.39 3.46
N THR A 123 2.09 11.54 3.95
CA THR A 123 1.71 11.97 5.29
C THR A 123 0.80 13.20 5.30
N ARG A 124 0.62 13.87 4.16
CA ARG A 124 -0.36 14.95 4.08
C ARG A 124 -1.19 14.79 2.81
N PRO A 125 -2.49 15.02 2.88
CA PRO A 125 -3.35 14.85 1.70
C PRO A 125 -2.92 15.75 0.55
N TYR A 126 -2.99 15.21 -0.67
CA TYR A 126 -2.74 15.96 -1.90
C TYR A 126 -3.46 17.30 -1.89
N GLY A 127 -2.71 18.38 -2.05
CA GLY A 127 -3.28 19.71 -2.12
C GLY A 127 -3.49 20.40 -0.80
N SER A 128 -2.98 19.86 0.30
CA SER A 128 -3.22 20.38 1.63
C SER A 128 -1.99 21.18 2.08
N GLY A 129 -1.47 20.97 3.29
CA GLY A 129 -0.28 21.66 3.75
C GLY A 129 -0.38 22.29 5.13
N GLY A 130 -1.41 21.92 5.89
CA GLY A 130 -1.61 22.52 7.21
C GLY A 130 -2.48 21.71 8.16
#